data_1G5N
#
_entry.id   1G5N
#
_cell.length_a   155.874
_cell.length_b   155.874
_cell.length_c   37.344
_cell.angle_alpha   90.00
_cell.angle_beta   90.00
_cell.angle_gamma   120.00
#
_symmetry.space_group_name_H-M   'H 3'
#
loop_
_entity.id
_entity.type
_entity.pdbx_description
1 polymer 'ANNEXIN V'
2 branched '4-deoxy-2-O-sulfo-alpha-L-threo-hex-4-enopyranuronic acid-(1-4)-2-deoxy-6-O-sulfo-2-(sulfoamino)-alpha-D-glucopyranose-(1-4)-2-O-sulfo-alpha-L-idopyranuronic acid-(1-4)-2-deoxy-6-O-sulfo-2-(sulfoamino)-alpha-D-glucopyranose'
3 non-polymer 'CALCIUM ION'
4 water water
#
_entity_poly.entity_id   1
_entity_poly.type   'polypeptide(L)'
_entity_poly.pdbx_seq_one_letter_code
;ALRGTVTDFSGFDGRADAEVLRKAMKGLGTDEDSILNLLTARSNAQRQQIAEEFKTLFGRDLVNDMKSELTGKFEKLIVA
LMKPSRLYDAYELKHALKGAGTDEKVLTEIIASRTPEELRAIKQAYEEEYGSNLEDDVVGDTSGYYQRMLVVLLQANRDP
DTAIDDAQVELDAQALFQAGELKWGTDEEKFITILGTRSVSHLRRVFDKYMTISGFQIEETIDRETSGNLENLLLAVVKS
IRSIPAYLAETLYYAMKGAGTDDHTLIRVIVSRSEIDLFNIRKEFRKNFATSLYSMIKGDTSGDYKKALLLLCGGEDD
;
_entity_poly.pdbx_strand_id   A
#
# COMPACT_ATOMS: atom_id res chain seq x y z
N ALA A 1 5.69 -17.69 -2.97
CA ALA A 1 6.33 -16.63 -3.80
C ALA A 1 5.37 -15.47 -3.98
N LEU A 2 5.91 -14.25 -4.08
CA LEU A 2 5.08 -13.06 -4.27
C LEU A 2 4.58 -12.97 -5.71
N ARG A 3 3.27 -12.80 -5.87
CA ARG A 3 2.69 -12.71 -7.20
C ARG A 3 1.60 -11.65 -7.33
N GLY A 4 1.62 -10.92 -8.44
CA GLY A 4 0.63 -9.90 -8.67
C GLY A 4 -0.47 -10.43 -9.58
N THR A 5 -1.44 -9.58 -9.91
CA THR A 5 -2.54 -9.99 -10.77
C THR A 5 -2.45 -9.37 -12.17
N VAL A 6 -1.52 -8.45 -12.34
CA VAL A 6 -1.32 -7.78 -13.63
C VAL A 6 0.09 -8.02 -14.12
N THR A 7 0.23 -8.35 -15.40
CA THR A 7 1.54 -8.60 -15.97
C THR A 7 1.62 -8.02 -17.38
N ASP A 8 2.81 -8.08 -17.98
CA ASP A 8 2.99 -7.57 -19.33
C ASP A 8 2.08 -8.32 -20.28
N PHE A 9 1.49 -7.58 -21.22
CA PHE A 9 0.60 -8.17 -22.22
C PHE A 9 1.46 -8.71 -23.36
N SER A 10 1.24 -9.97 -23.73
CA SER A 10 1.98 -10.59 -24.80
C SER A 10 1.47 -10.05 -26.13
N GLY A 11 2.40 -9.73 -27.05
CA GLY A 11 1.98 -9.21 -28.34
C GLY A 11 1.60 -7.74 -28.23
N PHE A 12 2.20 -7.07 -27.24
CA PHE A 12 1.95 -5.66 -26.98
C PHE A 12 2.33 -4.75 -28.14
N ASP A 13 1.40 -3.87 -28.52
CA ASP A 13 1.62 -2.90 -29.58
C ASP A 13 1.11 -1.57 -29.06
N GLY A 14 2.03 -0.78 -28.51
CA GLY A 14 1.68 0.52 -27.94
C GLY A 14 0.97 1.49 -28.87
N ARG A 15 1.40 1.50 -30.13
CA ARG A 15 0.81 2.38 -31.13
C ARG A 15 -0.66 2.01 -31.32
N ALA A 16 -0.92 0.73 -31.54
CA ALA A 16 -2.28 0.24 -31.72
C ALA A 16 -3.12 0.57 -30.49
N ASP A 17 -2.54 0.38 -29.30
CA ASP A 17 -3.26 0.68 -28.06
C ASP A 17 -3.64 2.16 -27.97
N ALA A 18 -2.73 3.03 -28.38
CA ALA A 18 -2.98 4.46 -28.33
C ALA A 18 -4.14 4.81 -29.27
N GLU A 19 -4.24 4.08 -30.38
CA GLU A 19 -5.31 4.32 -31.34
C GLU A 19 -6.64 3.90 -30.73
N VAL A 20 -6.66 2.77 -30.03
CA VAL A 20 -7.88 2.32 -29.40
C VAL A 20 -8.37 3.39 -28.44
N LEU A 21 -7.46 3.88 -27.60
CA LEU A 21 -7.82 4.90 -26.63
C LEU A 21 -8.29 6.20 -27.27
N ARG A 22 -7.62 6.62 -28.36
CA ARG A 22 -8.01 7.84 -29.05
C ARG A 22 -9.45 7.68 -29.57
N LYS A 23 -9.76 6.50 -30.09
CA LYS A 23 -11.09 6.20 -30.61
C LYS A 23 -12.14 6.22 -29.51
N ALA A 24 -11.78 5.72 -28.33
CA ALA A 24 -12.71 5.66 -27.21
C ALA A 24 -13.09 7.03 -26.68
N MET A 25 -12.26 8.05 -26.93
CA MET A 25 -12.55 9.39 -26.44
C MET A 25 -12.94 10.40 -27.51
N LYS A 26 -12.37 10.26 -28.71
CA LYS A 26 -12.68 11.20 -29.78
C LYS A 26 -14.18 11.24 -30.06
N GLY A 27 -14.73 12.45 -30.16
CA GLY A 27 -16.15 12.59 -30.44
C GLY A 27 -17.01 12.68 -29.20
N LEU A 28 -18.33 12.74 -29.41
CA LEU A 28 -19.27 12.83 -28.30
C LEU A 28 -19.23 11.62 -27.40
N GLY A 29 -19.28 11.87 -26.09
CA GLY A 29 -19.28 10.77 -25.15
C GLY A 29 -17.93 10.08 -24.99
N THR A 30 -17.94 8.94 -24.32
CA THR A 30 -16.73 8.18 -24.07
C THR A 30 -17.03 6.70 -24.02
N ASP A 31 -16.10 5.89 -24.53
CA ASP A 31 -16.28 4.45 -24.50
C ASP A 31 -15.49 3.97 -23.29
N GLU A 32 -16.07 4.13 -22.10
CA GLU A 32 -15.42 3.73 -20.87
C GLU A 32 -15.02 2.25 -20.86
N ASP A 33 -15.89 1.39 -21.38
CA ASP A 33 -15.59 -0.04 -21.40
C ASP A 33 -14.31 -0.37 -22.16
N SER A 34 -14.14 0.26 -23.33
CA SER A 34 -12.94 0.03 -24.14
C SER A 34 -11.68 0.45 -23.40
N ILE A 35 -11.76 1.59 -22.73
CA ILE A 35 -10.63 2.12 -21.98
C ILE A 35 -10.21 1.21 -20.82
N LEU A 36 -11.15 0.87 -19.95
CA LEU A 36 -10.83 0.01 -18.81
C LEU A 36 -10.41 -1.39 -19.23
N ASN A 37 -11.07 -1.94 -20.24
CA ASN A 37 -10.72 -3.28 -20.73
C ASN A 37 -9.26 -3.34 -21.19
N LEU A 38 -8.78 -2.23 -21.75
CA LEU A 38 -7.42 -2.17 -22.26
C LEU A 38 -6.36 -1.90 -21.19
N LEU A 39 -6.52 -0.80 -20.46
CA LEU A 39 -5.58 -0.41 -19.43
C LEU A 39 -5.41 -1.40 -18.28
N THR A 40 -6.47 -2.13 -17.92
CA THR A 40 -6.34 -3.10 -16.83
C THR A 40 -5.70 -4.40 -17.32
N ALA A 41 -5.52 -4.50 -18.64
CA ALA A 41 -4.90 -5.67 -19.25
C ALA A 41 -3.50 -5.33 -19.75
N ARG A 42 -2.96 -4.22 -19.26
CA ARG A 42 -1.61 -3.78 -19.63
C ARG A 42 -0.84 -3.48 -18.34
N SER A 43 0.45 -3.80 -18.32
CA SER A 43 1.27 -3.54 -17.14
C SER A 43 1.50 -2.04 -17.05
N ASN A 44 1.95 -1.57 -15.88
CA ASN A 44 2.20 -0.14 -15.68
C ASN A 44 3.24 0.39 -16.66
N ALA A 45 4.26 -0.43 -16.94
CA ALA A 45 5.30 -0.01 -17.88
C ALA A 45 4.68 0.19 -19.26
N GLN A 46 3.85 -0.76 -19.68
CA GLN A 46 3.20 -0.68 -20.97
C GLN A 46 2.27 0.54 -21.05
N ARG A 47 1.63 0.88 -19.94
CA ARG A 47 0.74 2.04 -19.93
C ARG A 47 1.56 3.30 -20.22
N GLN A 48 2.75 3.38 -19.64
CA GLN A 48 3.60 4.54 -19.85
C GLN A 48 4.01 4.61 -21.32
N GLN A 49 4.23 3.45 -21.93
CA GLN A 49 4.61 3.37 -23.33
C GLN A 49 3.45 3.83 -24.21
N ILE A 50 2.24 3.43 -23.84
CA ILE A 50 1.05 3.83 -24.59
C ILE A 50 0.90 5.34 -24.51
N ALA A 51 1.20 5.92 -23.36
CA ALA A 51 1.09 7.36 -23.15
C ALA A 51 2.02 8.12 -24.11
N GLU A 52 3.24 7.64 -24.27
CA GLU A 52 4.19 8.28 -25.18
C GLU A 52 3.76 8.11 -26.62
N GLU A 53 3.23 6.93 -26.96
CA GLU A 53 2.77 6.66 -28.33
C GLU A 53 1.59 7.55 -28.68
N PHE A 54 0.69 7.72 -27.72
CA PHE A 54 -0.50 8.54 -27.88
C PHE A 54 -0.08 9.98 -28.18
N LYS A 55 0.86 10.49 -27.40
CA LYS A 55 1.34 11.85 -27.60
C LYS A 55 2.10 12.00 -28.91
N THR A 56 2.87 10.98 -29.28
CA THR A 56 3.63 11.03 -30.52
C THR A 56 2.68 11.07 -31.73
N LEU A 57 1.60 10.29 -31.66
CA LEU A 57 0.63 10.23 -32.75
C LEU A 57 -0.27 11.45 -32.85
N PHE A 58 -0.79 11.89 -31.72
CA PHE A 58 -1.74 12.98 -31.68
C PHE A 58 -1.34 14.33 -31.09
N GLY A 59 -0.21 14.37 -30.39
CA GLY A 59 0.19 15.65 -29.81
C GLY A 59 -0.71 16.02 -28.63
N ARG A 60 -1.47 15.04 -28.15
CA ARG A 60 -2.38 15.23 -27.02
C ARG A 60 -1.83 14.46 -25.84
N ASP A 61 -2.16 14.88 -24.62
CA ASP A 61 -1.69 14.17 -23.45
C ASP A 61 -2.75 13.16 -23.03
N LEU A 62 -2.39 11.88 -23.04
CA LEU A 62 -3.32 10.80 -22.69
C LEU A 62 -4.01 10.96 -21.34
N VAL A 63 -3.24 11.15 -20.27
CA VAL A 63 -3.84 11.29 -18.95
C VAL A 63 -4.74 12.52 -18.86
N ASN A 64 -4.31 13.65 -19.44
CA ASN A 64 -5.14 14.84 -19.41
C ASN A 64 -6.45 14.62 -20.14
N ASP A 65 -6.41 13.87 -21.25
CA ASP A 65 -7.60 13.59 -22.03
C ASP A 65 -8.57 12.68 -21.26
N MET A 66 -8.04 11.71 -20.54
CA MET A 66 -8.91 10.81 -19.79
C MET A 66 -9.52 11.53 -18.59
N LYS A 67 -8.82 12.52 -18.05
CA LYS A 67 -9.35 13.29 -16.93
C LYS A 67 -10.49 14.17 -17.43
N SER A 68 -10.40 14.59 -18.69
CA SER A 68 -11.44 15.42 -19.28
C SER A 68 -12.67 14.59 -19.61
N GLU A 69 -12.44 13.41 -20.17
CA GLU A 69 -13.52 12.50 -20.57
C GLU A 69 -14.18 11.76 -19.40
N LEU A 70 -13.40 11.41 -18.39
CA LEU A 70 -13.88 10.65 -17.24
C LEU A 70 -14.25 11.47 -16.01
N THR A 71 -14.85 10.80 -15.04
CA THR A 71 -15.26 11.47 -13.81
C THR A 71 -15.40 10.48 -12.66
N GLY A 72 -15.66 11.00 -11.47
CA GLY A 72 -15.85 10.17 -10.29
C GLY A 72 -14.73 9.23 -9.93
N LYS A 73 -15.08 8.15 -9.23
CA LYS A 73 -14.12 7.15 -8.79
C LYS A 73 -13.45 6.43 -9.95
N PHE A 74 -14.19 6.23 -11.04
CA PHE A 74 -13.63 5.56 -12.21
C PHE A 74 -12.41 6.34 -12.67
N GLU A 75 -12.53 7.66 -12.71
CA GLU A 75 -11.42 8.52 -13.11
C GLU A 75 -10.25 8.39 -12.14
N LYS A 76 -10.53 8.49 -10.85
CA LYS A 76 -9.47 8.38 -9.85
C LYS A 76 -8.72 7.07 -9.98
N LEU A 77 -9.43 5.99 -10.31
CA LEU A 77 -8.80 4.69 -10.48
C LEU A 77 -7.92 4.69 -11.73
N ILE A 78 -8.43 5.25 -12.82
CA ILE A 78 -7.65 5.29 -14.06
C ILE A 78 -6.42 6.15 -13.92
N VAL A 79 -6.55 7.28 -13.22
CA VAL A 79 -5.42 8.18 -13.00
C VAL A 79 -4.33 7.47 -12.19
N ALA A 80 -4.74 6.78 -11.13
CA ALA A 80 -3.79 6.06 -10.29
C ALA A 80 -3.11 4.94 -11.06
N LEU A 81 -3.87 4.30 -11.96
CA LEU A 81 -3.36 3.21 -12.78
C LEU A 81 -2.30 3.75 -13.76
N MET A 82 -2.44 5.02 -14.11
CA MET A 82 -1.51 5.66 -15.04
C MET A 82 -0.24 6.17 -14.39
N LYS A 83 -0.29 6.46 -13.10
CA LYS A 83 0.88 6.96 -12.41
C LYS A 83 1.99 5.91 -12.49
N PRO A 84 3.20 6.33 -12.92
CA PRO A 84 4.31 5.37 -13.03
C PRO A 84 4.57 4.69 -11.68
N SER A 85 4.76 3.37 -11.72
CA SER A 85 5.01 2.58 -10.52
C SER A 85 6.03 3.16 -9.55
N ARG A 86 7.13 3.68 -10.09
CA ARG A 86 8.20 4.24 -9.27
C ARG A 86 7.81 5.53 -8.55
N LEU A 87 6.77 6.19 -9.02
CA LEU A 87 6.34 7.45 -8.41
C LEU A 87 5.02 7.36 -7.64
N TYR A 88 4.31 6.25 -7.79
CA TYR A 88 3.01 6.14 -7.13
C TYR A 88 3.00 6.33 -5.62
N ASP A 89 3.88 5.64 -4.90
CA ASP A 89 3.92 5.79 -3.45
C ASP A 89 4.28 7.22 -3.06
N ALA A 90 5.29 7.78 -3.71
CA ALA A 90 5.70 9.15 -3.44
C ALA A 90 4.49 10.06 -3.62
N TYR A 91 3.74 9.80 -4.69
CA TYR A 91 2.53 10.56 -5.03
C TYR A 91 1.47 10.50 -3.93
N GLU A 92 1.17 9.30 -3.45
CA GLU A 92 0.16 9.16 -2.40
C GLU A 92 0.64 9.79 -1.09
N LEU A 93 1.94 9.75 -0.84
CA LEU A 93 2.48 10.34 0.38
C LEU A 93 2.36 11.87 0.26
N LYS A 94 2.70 12.38 -0.91
CA LYS A 94 2.61 13.82 -1.17
C LYS A 94 1.16 14.25 -0.94
N HIS A 95 0.22 13.47 -1.46
CA HIS A 95 -1.20 13.75 -1.32
C HIS A 95 -1.62 13.74 0.15
N ALA A 96 -0.99 12.87 0.93
CA ALA A 96 -1.30 12.73 2.35
C ALA A 96 -0.75 13.88 3.19
N LEU A 97 0.25 14.56 2.65
CA LEU A 97 0.89 15.66 3.37
C LEU A 97 0.46 17.05 2.89
N LYS A 98 -0.37 17.11 1.85
CA LYS A 98 -0.82 18.39 1.30
C LYS A 98 -1.80 19.11 2.21
N GLY A 99 -1.67 20.44 2.28
CA GLY A 99 -2.55 21.23 3.12
C GLY A 99 -2.17 21.24 4.59
N ALA A 100 -3.00 21.88 5.40
CA ALA A 100 -2.75 21.96 6.83
C ALA A 100 -2.93 20.59 7.48
N GLY A 101 -3.96 19.88 7.06
CA GLY A 101 -4.23 18.56 7.60
C GLY A 101 -3.20 17.52 7.19
N THR A 102 -3.41 16.29 7.64
CA THR A 102 -2.51 15.21 7.31
C THR A 102 -3.27 13.90 7.28
N ASP A 103 -3.01 13.07 6.29
CA ASP A 103 -3.69 11.78 6.21
C ASP A 103 -2.77 10.74 6.81
N GLU A 104 -2.78 10.64 8.14
CA GLU A 104 -1.94 9.70 8.86
C GLU A 104 -2.04 8.24 8.41
N LYS A 105 -3.25 7.77 8.14
CA LYS A 105 -3.41 6.36 7.74
C LYS A 105 -2.60 6.00 6.49
N VAL A 106 -2.46 6.95 5.57
CA VAL A 106 -1.69 6.70 4.36
C VAL A 106 -0.20 6.62 4.69
N LEU A 107 0.28 7.56 5.50
CA LEU A 107 1.69 7.56 5.91
C LEU A 107 2.00 6.23 6.59
N THR A 108 1.12 5.83 7.50
CA THR A 108 1.28 4.59 8.25
C THR A 108 1.24 3.37 7.32
N GLU A 109 0.24 3.31 6.46
CA GLU A 109 0.09 2.18 5.54
C GLU A 109 1.30 1.94 4.65
N ILE A 110 1.76 2.99 3.98
CA ILE A 110 2.91 2.88 3.07
C ILE A 110 4.25 2.66 3.78
N ILE A 111 4.54 3.48 4.78
CA ILE A 111 5.80 3.38 5.48
C ILE A 111 6.00 2.09 6.30
N ALA A 112 4.90 1.55 6.82
CA ALA A 112 5.00 0.31 7.59
C ALA A 112 5.09 -0.93 6.71
N SER A 113 4.48 -0.88 5.52
CA SER A 113 4.47 -2.03 4.62
C SER A 113 5.49 -2.08 3.48
N ARG A 114 6.23 -1.00 3.27
CA ARG A 114 7.22 -1.01 2.20
C ARG A 114 8.56 -1.54 2.72
N THR A 115 9.29 -2.23 1.87
CA THR A 115 10.59 -2.78 2.24
C THR A 115 11.62 -1.66 2.27
N PRO A 116 12.81 -1.93 2.84
CA PRO A 116 13.84 -0.90 2.89
C PRO A 116 14.25 -0.44 1.49
N GLU A 117 14.29 -1.37 0.55
CA GLU A 117 14.65 -1.01 -0.81
C GLU A 117 13.56 -0.13 -1.42
N GLU A 118 12.31 -0.45 -1.13
CA GLU A 118 11.21 0.35 -1.65
C GLU A 118 11.22 1.75 -1.05
N LEU A 119 11.51 1.86 0.24
CA LEU A 119 11.55 3.16 0.89
C LEU A 119 12.67 4.02 0.32
N ARG A 120 13.82 3.41 0.04
CA ARG A 120 14.92 4.17 -0.52
C ARG A 120 14.50 4.74 -1.87
N ALA A 121 13.85 3.90 -2.67
CA ALA A 121 13.38 4.32 -3.99
C ALA A 121 12.36 5.43 -3.86
N ILE A 122 11.43 5.29 -2.91
CA ILE A 122 10.40 6.30 -2.69
C ILE A 122 10.99 7.63 -2.27
N LYS A 123 11.88 7.61 -1.27
CA LYS A 123 12.50 8.85 -0.79
C LYS A 123 13.16 9.60 -1.95
N GLN A 124 13.86 8.88 -2.81
CA GLN A 124 14.52 9.49 -3.96
C GLN A 124 13.53 10.08 -4.95
N ALA A 125 12.56 9.27 -5.37
CA ALA A 125 11.57 9.73 -6.32
C ALA A 125 10.81 10.95 -5.80
N TYR A 126 10.45 10.90 -4.52
CA TYR A 126 9.71 11.99 -3.90
C TYR A 126 10.44 13.32 -3.98
N GLU A 127 11.73 13.32 -3.66
CA GLU A 127 12.51 14.55 -3.69
C GLU A 127 12.73 15.02 -5.13
N GLU A 128 12.93 14.08 -6.05
CA GLU A 128 13.16 14.42 -7.44
C GLU A 128 11.89 14.99 -8.07
N GLU A 129 10.73 14.49 -7.64
CA GLU A 129 9.47 14.95 -8.19
C GLU A 129 8.89 16.22 -7.59
N TYR A 130 9.02 16.38 -6.27
CA TYR A 130 8.45 17.54 -5.60
C TYR A 130 9.45 18.58 -5.08
N GLY A 131 10.74 18.28 -5.18
CA GLY A 131 11.75 19.21 -4.74
C GLY A 131 11.84 19.47 -3.24
N SER A 132 11.49 18.46 -2.45
CA SER A 132 11.56 18.56 -1.00
C SER A 132 11.83 17.16 -0.45
N ASN A 133 12.37 17.12 0.75
CA ASN A 133 12.71 15.86 1.41
C ASN A 133 11.53 15.21 2.13
N LEU A 134 11.25 13.94 1.80
CA LEU A 134 10.14 13.22 2.41
C LEU A 134 10.16 13.22 3.94
N GLU A 135 11.29 12.84 4.53
CA GLU A 135 11.41 12.81 5.98
C GLU A 135 11.06 14.17 6.58
N ASP A 136 11.65 15.23 6.02
CA ASP A 136 11.40 16.58 6.50
C ASP A 136 9.91 16.91 6.53
N ASP A 137 9.22 16.63 5.44
CA ASP A 137 7.80 16.92 5.36
C ASP A 137 6.99 16.08 6.35
N VAL A 138 7.37 14.82 6.52
CA VAL A 138 6.67 13.95 7.45
C VAL A 138 6.87 14.47 8.87
N VAL A 139 8.09 14.84 9.20
CA VAL A 139 8.39 15.38 10.52
C VAL A 139 7.57 16.65 10.73
N GLY A 140 7.42 17.43 9.66
CA GLY A 140 6.68 18.67 9.74
C GLY A 140 5.19 18.55 10.00
N ASP A 141 4.59 17.43 9.59
CA ASP A 141 3.17 17.21 9.78
C ASP A 141 2.84 16.25 10.92
N THR A 142 3.85 15.75 11.62
CA THR A 142 3.61 14.79 12.70
C THR A 142 4.32 15.15 14.00
N SER A 143 4.01 14.41 15.06
CA SER A 143 4.63 14.67 16.35
C SER A 143 4.69 13.44 17.25
N GLY A 144 5.43 13.59 18.35
CA GLY A 144 5.57 12.54 19.33
C GLY A 144 6.21 11.25 18.84
N TYR A 145 5.88 10.16 19.51
CA TYR A 145 6.41 8.86 19.17
C TYR A 145 5.94 8.37 17.82
N TYR A 146 4.78 8.84 17.39
CA TYR A 146 4.26 8.45 16.08
C TYR A 146 5.29 8.95 15.06
N GLN A 147 5.68 10.21 15.20
CA GLN A 147 6.65 10.80 14.30
C GLN A 147 7.99 10.04 14.34
N ARG A 148 8.49 9.81 15.55
CA ARG A 148 9.76 9.12 15.72
C ARG A 148 9.77 7.75 15.04
N MET A 149 8.76 6.93 15.31
CA MET A 149 8.68 5.62 14.69
C MET A 149 8.69 5.74 13.16
N LEU A 150 7.97 6.73 12.62
CA LEU A 150 7.94 6.92 11.16
C LEU A 150 9.34 7.26 10.67
N VAL A 151 10.03 8.11 11.43
CA VAL A 151 11.38 8.51 11.05
C VAL A 151 12.31 7.30 11.08
N VAL A 152 12.19 6.47 12.11
CA VAL A 152 13.02 5.27 12.20
C VAL A 152 12.81 4.42 10.95
N LEU A 153 11.55 4.19 10.60
CA LEU A 153 11.21 3.38 9.44
C LEU A 153 11.72 3.99 8.14
N LEU A 154 11.69 5.32 8.06
CA LEU A 154 12.15 6.01 6.87
C LEU A 154 13.66 5.93 6.66
N GLN A 155 14.40 5.52 7.70
CA GLN A 155 15.84 5.38 7.56
C GLN A 155 16.14 4.18 6.69
N ALA A 156 15.13 3.32 6.52
CA ALA A 156 15.27 2.14 5.68
C ALA A 156 16.48 1.31 6.08
N ASN A 157 16.72 1.18 7.38
CA ASN A 157 17.85 0.42 7.90
C ASN A 157 17.49 -0.80 8.73
N ARG A 158 16.32 -1.39 8.51
CA ARG A 158 15.94 -2.57 9.27
C ARG A 158 16.99 -3.65 9.04
N ASP A 159 17.35 -4.38 10.10
CA ASP A 159 18.35 -5.44 9.99
C ASP A 159 17.96 -6.49 8.96
N PRO A 160 18.94 -7.00 8.21
CA PRO A 160 18.61 -8.03 7.22
C PRO A 160 18.41 -9.35 7.96
N ASP A 161 17.84 -10.34 7.29
CA ASP A 161 17.64 -11.63 7.92
C ASP A 161 18.99 -12.35 7.99
N THR A 162 19.43 -12.67 9.20
CA THR A 162 20.68 -13.39 9.41
C THR A 162 20.41 -14.57 10.32
N ALA A 163 21.47 -15.29 10.68
CA ALA A 163 21.32 -16.45 11.57
C ALA A 163 20.52 -16.06 12.80
N ILE A 164 19.50 -16.86 13.11
CA ILE A 164 18.66 -16.59 14.28
C ILE A 164 19.45 -16.83 15.56
N ASP A 165 19.30 -15.90 16.51
CA ASP A 165 19.99 -15.96 17.79
C ASP A 165 18.95 -16.13 18.91
N ASP A 166 18.82 -17.35 19.42
CA ASP A 166 17.86 -17.66 20.47
C ASP A 166 17.92 -16.74 21.68
N ALA A 167 19.12 -16.48 22.18
CA ALA A 167 19.28 -15.59 23.34
C ALA A 167 18.72 -14.20 23.05
N GLN A 168 18.99 -13.72 21.84
CA GLN A 168 18.52 -12.41 21.42
C GLN A 168 17.00 -12.35 21.29
N VAL A 169 16.40 -13.44 20.82
CA VAL A 169 14.96 -13.49 20.71
C VAL A 169 14.37 -13.39 22.11
N GLU A 170 14.94 -14.15 23.05
CA GLU A 170 14.46 -14.14 24.43
C GLU A 170 14.67 -12.75 25.05
N LEU A 171 15.83 -12.18 24.78
CA LEU A 171 16.19 -10.87 25.30
C LEU A 171 15.22 -9.77 24.86
N ASP A 172 14.94 -9.72 23.57
CA ASP A 172 14.03 -8.71 23.02
C ASP A 172 12.58 -8.94 23.49
N ALA A 173 12.15 -10.19 23.55
CA ALA A 173 10.78 -10.48 23.99
C ALA A 173 10.60 -10.04 25.42
N GLN A 174 11.58 -10.34 26.26
CA GLN A 174 11.54 -9.98 27.67
C GLN A 174 11.61 -8.46 27.84
N ALA A 175 12.38 -7.80 26.96
CA ALA A 175 12.53 -6.36 27.00
C ALA A 175 11.21 -5.66 26.70
N LEU A 176 10.47 -6.18 25.73
CA LEU A 176 9.18 -5.61 25.37
C LEU A 176 8.21 -5.78 26.54
N PHE A 177 8.30 -6.94 27.20
CA PHE A 177 7.46 -7.25 28.35
C PHE A 177 7.68 -6.25 29.48
N GLN A 178 8.95 -5.95 29.77
CA GLN A 178 9.30 -4.99 30.82
C GLN A 178 8.98 -3.56 30.41
N ALA A 179 9.04 -3.28 29.11
CA ALA A 179 8.76 -1.95 28.60
C ALA A 179 7.27 -1.62 28.54
N GLY A 180 6.43 -2.66 28.51
CA GLY A 180 5.00 -2.43 28.44
C GLY A 180 4.14 -2.91 29.60
N GLU A 181 3.72 -4.17 29.56
CA GLU A 181 2.88 -4.75 30.61
C GLU A 181 3.41 -4.59 32.03
N LEU A 182 4.72 -4.73 32.21
CA LEU A 182 5.32 -4.62 33.55
C LEU A 182 5.68 -3.21 33.96
N LYS A 183 5.40 -2.24 33.10
CA LYS A 183 5.74 -0.85 33.42
C LYS A 183 4.52 0.03 33.64
N TRP A 184 4.62 0.91 34.62
CA TRP A 184 3.54 1.86 34.90
C TRP A 184 3.76 2.87 33.79
N GLY A 185 2.89 2.82 32.78
CA GLY A 185 3.06 3.71 31.64
C GLY A 185 3.72 2.86 30.57
N THR A 186 4.53 3.47 29.70
CA THR A 186 5.16 2.71 28.61
C THR A 186 6.52 3.25 28.22
N ASP A 187 7.46 2.37 27.90
CA ASP A 187 8.76 2.82 27.43
C ASP A 187 8.63 2.71 25.91
N GLU A 188 7.96 3.68 25.31
CA GLU A 188 7.74 3.66 23.86
C GLU A 188 9.01 3.52 23.05
N GLU A 189 10.08 4.17 23.51
CA GLU A 189 11.36 4.12 22.82
C GLU A 189 11.85 2.68 22.59
N LYS A 190 11.62 1.80 23.55
CA LYS A 190 12.04 0.42 23.44
C LYS A 190 11.21 -0.32 22.38
N PHE A 191 9.91 -0.05 22.33
CA PHE A 191 9.05 -0.69 21.35
C PHE A 191 9.48 -0.25 19.95
N ILE A 192 9.74 1.05 19.81
CA ILE A 192 10.15 1.62 18.53
C ILE A 192 11.46 1.06 18.00
N THR A 193 12.48 0.96 18.86
CA THR A 193 13.77 0.43 18.43
C THR A 193 13.65 -1.04 18.01
N ILE A 194 13.03 -1.84 18.86
CA ILE A 194 12.88 -3.27 18.60
C ILE A 194 11.98 -3.60 17.41
N LEU A 195 10.79 -3.00 17.37
CA LEU A 195 9.86 -3.27 16.28
C LEU A 195 10.22 -2.57 14.97
N GLY A 196 11.00 -1.49 15.07
CA GLY A 196 11.36 -0.76 13.88
C GLY A 196 12.68 -1.10 13.20
N THR A 197 13.62 -1.74 13.92
CA THR A 197 14.92 -2.03 13.32
C THR A 197 15.35 -3.50 13.25
N ARG A 198 14.76 -4.35 14.07
CA ARG A 198 15.12 -5.77 14.08
C ARG A 198 14.61 -6.45 12.79
N SER A 199 15.29 -7.51 12.36
CA SER A 199 14.89 -8.20 11.13
C SER A 199 13.52 -8.85 11.20
N VAL A 200 12.97 -9.12 10.03
CA VAL A 200 11.66 -9.75 9.92
C VAL A 200 11.67 -11.14 10.57
N SER A 201 12.67 -11.94 10.22
CA SER A 201 12.77 -13.29 10.76
C SER A 201 12.96 -13.26 12.28
N HIS A 202 13.76 -12.31 12.76
CA HIS A 202 14.00 -12.20 14.19
C HIS A 202 12.73 -11.82 14.93
N LEU A 203 12.01 -10.82 14.41
CA LEU A 203 10.79 -10.36 15.07
C LEU A 203 9.68 -11.40 15.04
N ARG A 204 9.64 -12.23 14.01
CA ARG A 204 8.61 -13.26 13.96
C ARG A 204 8.83 -14.20 15.15
N ARG A 205 10.11 -14.48 15.45
CA ARG A 205 10.44 -15.35 16.57
C ARG A 205 10.11 -14.62 17.86
N VAL A 206 10.43 -13.33 17.91
CA VAL A 206 10.16 -12.53 19.08
C VAL A 206 8.67 -12.50 19.42
N PHE A 207 7.81 -12.36 18.41
CA PHE A 207 6.36 -12.32 18.64
C PHE A 207 5.87 -13.60 19.32
N ASP A 208 6.36 -14.75 18.85
CA ASP A 208 5.97 -16.04 19.43
C ASP A 208 6.42 -16.15 20.88
N LYS A 209 7.67 -15.79 21.13
CA LYS A 209 8.22 -15.87 22.48
C LYS A 209 7.50 -14.89 23.41
N TYR A 210 7.17 -13.71 22.88
CA TYR A 210 6.47 -12.71 23.67
C TYR A 210 5.16 -13.26 24.21
N MET A 211 4.43 -13.98 23.35
CA MET A 211 3.16 -14.58 23.76
C MET A 211 3.40 -15.57 24.90
N THR A 212 4.39 -16.44 24.71
CA THR A 212 4.76 -17.45 25.70
C THR A 212 5.06 -16.86 27.08
N ILE A 213 5.77 -15.74 27.08
CA ILE A 213 6.16 -15.06 28.31
C ILE A 213 5.04 -14.28 28.99
N SER A 214 4.37 -13.43 28.21
CA SER A 214 3.32 -12.55 28.73
C SER A 214 1.88 -13.05 28.75
N GLY A 215 1.55 -13.95 27.85
CA GLY A 215 0.19 -14.45 27.77
C GLY A 215 -0.60 -13.62 26.78
N PHE A 216 0.03 -12.56 26.26
CA PHE A 216 -0.60 -11.67 25.29
C PHE A 216 0.11 -11.70 23.95
N GLN A 217 -0.63 -11.53 22.87
CA GLN A 217 -0.02 -11.46 21.55
C GLN A 217 0.53 -10.04 21.55
N ILE A 218 1.59 -9.78 20.78
CA ILE A 218 2.16 -8.43 20.76
C ILE A 218 1.09 -7.40 20.34
N GLU A 219 0.17 -7.80 19.45
CA GLU A 219 -0.89 -6.89 19.01
C GLU A 219 -1.79 -6.46 20.17
N GLU A 220 -2.10 -7.39 21.07
CA GLU A 220 -2.94 -7.09 22.21
C GLU A 220 -2.22 -6.10 23.13
N THR A 221 -0.96 -6.38 23.45
CA THR A 221 -0.18 -5.50 24.32
C THR A 221 -0.12 -4.09 23.72
N ILE A 222 0.09 -4.00 22.41
CA ILE A 222 0.13 -2.71 21.74
C ILE A 222 -1.15 -1.93 21.99
N ASP A 223 -2.29 -2.59 21.87
CA ASP A 223 -3.57 -1.92 22.09
C ASP A 223 -3.70 -1.50 23.56
N ARG A 224 -3.27 -2.38 24.46
CA ARG A 224 -3.32 -2.12 25.90
C ARG A 224 -2.41 -0.99 26.35
N GLU A 225 -1.26 -0.87 25.71
CA GLU A 225 -0.25 0.15 26.07
C GLU A 225 -0.27 1.46 25.32
N THR A 226 -0.77 1.47 24.09
CA THR A 226 -0.76 2.70 23.29
C THR A 226 -2.11 3.10 22.71
N SER A 227 -2.11 4.25 22.04
CA SER A 227 -3.33 4.78 21.43
C SER A 227 -2.93 5.74 20.32
N GLY A 228 -3.93 6.34 19.68
CA GLY A 228 -3.66 7.29 18.62
C GLY A 228 -2.92 6.68 17.45
N ASN A 229 -2.26 7.53 16.67
CA ASN A 229 -1.54 7.06 15.51
C ASN A 229 -0.38 6.13 15.84
N LEU A 230 0.21 6.29 17.02
CA LEU A 230 1.30 5.40 17.40
C LEU A 230 0.78 3.97 17.43
N GLU A 231 -0.36 3.77 18.09
CA GLU A 231 -0.96 2.44 18.16
C GLU A 231 -1.15 1.86 16.76
N ASN A 232 -1.81 2.63 15.90
CA ASN A 232 -2.08 2.18 14.52
C ASN A 232 -0.80 1.84 13.77
N LEU A 233 0.25 2.62 13.99
CA LEU A 233 1.52 2.39 13.31
C LEU A 233 2.22 1.13 13.81
N LEU A 234 2.22 0.92 15.13
CA LEU A 234 2.86 -0.26 15.68
C LEU A 234 2.13 -1.52 15.21
N LEU A 235 0.80 -1.47 15.16
CA LEU A 235 0.02 -2.62 14.69
C LEU A 235 0.32 -2.89 13.23
N ALA A 236 0.35 -1.84 12.41
CA ALA A 236 0.65 -2.00 10.99
C ALA A 236 2.04 -2.61 10.82
N VAL A 237 2.99 -2.14 11.60
CA VAL A 237 4.36 -2.65 11.51
C VAL A 237 4.39 -4.13 11.90
N VAL A 238 3.80 -4.47 13.05
CA VAL A 238 3.76 -5.85 13.50
C VAL A 238 3.06 -6.73 12.46
N LYS A 239 1.90 -6.30 12.00
CA LYS A 239 1.17 -7.07 11.00
C LYS A 239 1.95 -7.25 9.70
N SER A 240 2.72 -6.24 9.31
CA SER A 240 3.51 -6.34 8.08
C SER A 240 4.69 -7.29 8.27
N ILE A 241 5.20 -7.35 9.50
CA ILE A 241 6.30 -8.24 9.81
C ILE A 241 5.80 -9.67 9.66
N ARG A 242 4.61 -9.95 10.21
CA ARG A 242 4.02 -11.28 10.11
C ARG A 242 3.73 -11.64 8.65
N SER A 243 3.12 -10.69 7.93
CA SER A 243 2.77 -10.90 6.53
C SER A 243 2.28 -9.60 5.90
N ILE A 244 3.03 -9.08 4.93
CA ILE A 244 2.60 -7.86 4.26
C ILE A 244 1.28 -8.12 3.55
N PRO A 245 1.18 -9.23 2.80
CA PRO A 245 -0.05 -9.56 2.08
C PRO A 245 -1.26 -9.61 3.02
N ALA A 246 -1.06 -10.23 4.20
CA ALA A 246 -2.13 -10.34 5.18
C ALA A 246 -2.54 -8.97 5.72
N TYR A 247 -1.56 -8.11 5.97
CA TYR A 247 -1.83 -6.75 6.46
C TYR A 247 -2.65 -5.97 5.44
N LEU A 248 -2.21 -6.00 4.19
CA LEU A 248 -2.89 -5.27 3.13
C LEU A 248 -4.28 -5.86 2.86
N ALA A 249 -4.41 -7.18 3.02
CA ALA A 249 -5.69 -7.83 2.82
C ALA A 249 -6.66 -7.29 3.87
N GLU A 250 -6.18 -7.18 5.10
CA GLU A 250 -6.98 -6.67 6.19
C GLU A 250 -7.29 -5.20 5.96
N THR A 251 -6.33 -4.48 5.38
CA THR A 251 -6.52 -3.06 5.10
C THR A 251 -7.68 -2.89 4.10
N LEU A 252 -7.75 -3.79 3.13
CA LEU A 252 -8.81 -3.75 2.13
C LEU A 252 -10.16 -4.06 2.77
N TYR A 253 -10.18 -5.09 3.60
CA TYR A 253 -11.41 -5.52 4.28
C TYR A 253 -12.07 -4.38 5.06
N TYR A 254 -11.31 -3.66 5.87
CA TYR A 254 -11.87 -2.56 6.65
C TYR A 254 -12.17 -1.33 5.79
N ALA A 255 -11.83 -1.39 4.50
CA ALA A 255 -12.08 -0.28 3.60
C ALA A 255 -13.44 -0.40 2.91
N MET A 256 -14.00 -1.60 2.93
CA MET A 256 -15.31 -1.86 2.35
C MET A 256 -16.17 -2.28 3.52
N LYS A 257 -15.69 -1.87 4.69
CA LYS A 257 -16.29 -2.14 5.99
C LYS A 257 -17.43 -1.18 6.35
N GLY A 258 -18.65 -1.70 6.38
CA GLY A 258 -19.79 -0.87 6.74
C GLY A 258 -20.35 0.05 5.68
N ALA A 259 -21.21 0.97 6.11
CA ALA A 259 -21.87 1.92 5.24
C ALA A 259 -20.91 2.72 4.36
N GLY A 260 -20.96 2.45 3.07
CA GLY A 260 -20.09 3.13 2.12
C GLY A 260 -18.79 2.37 2.02
N THR A 261 -17.81 2.98 1.37
CA THR A 261 -16.51 2.35 1.22
C THR A 261 -15.41 3.39 1.15
N ASP A 262 -14.24 3.01 1.67
CA ASP A 262 -13.09 3.88 1.66
C ASP A 262 -12.44 3.61 0.31
N ASP A 263 -12.91 4.32 -0.72
CA ASP A 263 -12.42 4.13 -2.07
C ASP A 263 -10.98 4.59 -2.26
N HIS A 264 -10.58 5.65 -1.56
CA HIS A 264 -9.22 6.16 -1.65
C HIS A 264 -8.24 5.03 -1.31
N THR A 265 -8.53 4.33 -0.23
CA THR A 265 -7.71 3.22 0.23
C THR A 265 -7.88 1.99 -0.66
N LEU A 266 -9.12 1.74 -1.09
CA LEU A 266 -9.41 0.59 -1.94
C LEU A 266 -8.62 0.68 -3.25
N ILE A 267 -8.59 1.87 -3.84
CA ILE A 267 -7.87 2.09 -5.09
C ILE A 267 -6.36 2.01 -4.91
N ARG A 268 -5.84 2.66 -3.87
CA ARG A 268 -4.41 2.64 -3.62
C ARG A 268 -3.86 1.23 -3.42
N VAL A 269 -4.54 0.43 -2.62
CA VAL A 269 -4.07 -0.93 -2.37
C VAL A 269 -4.11 -1.77 -3.64
N ILE A 270 -5.24 -1.78 -4.33
CA ILE A 270 -5.38 -2.57 -5.56
C ILE A 270 -4.34 -2.17 -6.60
N VAL A 271 -4.19 -0.87 -6.83
CA VAL A 271 -3.24 -0.37 -7.81
C VAL A 271 -1.78 -0.61 -7.41
N SER A 272 -1.41 -0.16 -6.20
CA SER A 272 -0.04 -0.30 -5.73
C SER A 272 0.51 -1.73 -5.64
N ARG A 273 -0.36 -2.71 -5.41
CA ARG A 273 0.08 -4.09 -5.28
C ARG A 273 -0.24 -4.98 -6.48
N SER A 274 -0.93 -4.42 -7.47
CA SER A 274 -1.32 -5.17 -8.66
C SER A 274 -0.19 -5.93 -9.35
N GLU A 275 1.03 -5.42 -9.26
CA GLU A 275 2.16 -6.09 -9.90
C GLU A 275 3.21 -6.57 -8.90
N ILE A 276 2.79 -6.77 -7.66
CA ILE A 276 3.70 -7.23 -6.62
C ILE A 276 3.17 -8.46 -5.88
N ASP A 277 2.11 -8.29 -5.12
CA ASP A 277 1.57 -9.39 -4.35
C ASP A 277 0.04 -9.39 -4.20
N LEU A 278 -0.67 -8.83 -5.18
CA LEU A 278 -2.12 -8.81 -5.04
C LEU A 278 -2.69 -10.23 -5.01
N PHE A 279 -2.00 -11.19 -5.63
CA PHE A 279 -2.45 -12.57 -5.62
C PHE A 279 -2.39 -13.11 -4.20
N ASN A 280 -1.28 -12.86 -3.53
CA ASN A 280 -1.08 -13.30 -2.15
C ASN A 280 -2.14 -12.63 -1.27
N ILE A 281 -2.39 -11.35 -1.53
CA ILE A 281 -3.39 -10.62 -0.76
C ILE A 281 -4.73 -11.34 -0.89
N ARG A 282 -5.09 -11.72 -2.11
CA ARG A 282 -6.34 -12.43 -2.36
C ARG A 282 -6.43 -13.71 -1.53
N LYS A 283 -5.37 -14.50 -1.52
CA LYS A 283 -5.36 -15.75 -0.77
C LYS A 283 -5.54 -15.50 0.72
N GLU A 284 -4.74 -14.59 1.28
CA GLU A 284 -4.84 -14.27 2.70
C GLU A 284 -6.21 -13.71 3.01
N PHE A 285 -6.80 -13.02 2.03
CA PHE A 285 -8.13 -12.42 2.20
C PHE A 285 -9.21 -13.49 2.30
N ARG A 286 -9.16 -14.45 1.38
CA ARG A 286 -10.14 -15.53 1.35
C ARG A 286 -10.10 -16.36 2.64
N LYS A 287 -8.88 -16.67 3.07
CA LYS A 287 -8.67 -17.46 4.28
C LYS A 287 -9.14 -16.77 5.55
N ASN A 288 -8.78 -15.49 5.70
CA ASN A 288 -9.12 -14.75 6.91
C ASN A 288 -10.54 -14.18 6.97
N PHE A 289 -11.18 -13.97 5.83
CA PHE A 289 -12.53 -13.40 5.85
C PHE A 289 -13.62 -14.27 5.20
N ALA A 290 -13.28 -15.52 4.95
CA ALA A 290 -14.21 -16.49 4.38
C ALA A 290 -14.93 -16.05 3.10
N THR A 291 -14.42 -15.01 2.45
CA THR A 291 -15.00 -14.53 1.21
C THR A 291 -13.87 -14.00 0.34
N SER A 292 -14.01 -14.16 -0.97
CA SER A 292 -12.98 -13.69 -1.89
C SER A 292 -13.00 -12.16 -1.94
N LEU A 293 -11.86 -11.57 -2.24
CA LEU A 293 -11.73 -10.11 -2.34
C LEU A 293 -12.66 -9.62 -3.45
N TYR A 294 -12.81 -10.47 -4.46
CA TYR A 294 -13.66 -10.16 -5.60
C TYR A 294 -15.09 -9.87 -5.15
N SER A 295 -15.67 -10.79 -4.38
CA SER A 295 -17.03 -10.61 -3.90
C SER A 295 -17.18 -9.35 -3.06
N MET A 296 -16.17 -9.06 -2.23
CA MET A 296 -16.18 -7.87 -1.40
C MET A 296 -16.29 -6.61 -2.26
N ILE A 297 -15.43 -6.52 -3.26
CA ILE A 297 -15.42 -5.37 -4.16
C ILE A 297 -16.72 -5.30 -4.97
N LYS A 298 -17.10 -6.42 -5.55
CA LYS A 298 -18.31 -6.51 -6.37
C LYS A 298 -19.56 -5.99 -5.65
N GLY A 299 -19.68 -6.31 -4.36
CA GLY A 299 -20.85 -5.88 -3.60
C GLY A 299 -20.72 -4.51 -2.98
N ASP A 300 -19.54 -3.89 -3.11
CA ASP A 300 -19.31 -2.58 -2.54
C ASP A 300 -19.17 -1.49 -3.59
N THR A 301 -18.92 -1.88 -4.83
CA THR A 301 -18.72 -0.92 -5.91
C THR A 301 -19.75 -1.05 -7.04
N SER A 302 -19.67 -0.15 -8.01
CA SER A 302 -20.60 -0.18 -9.14
C SER A 302 -20.04 0.58 -10.35
N GLY A 303 -20.71 0.40 -11.48
CA GLY A 303 -20.32 1.08 -12.71
C GLY A 303 -18.99 0.64 -13.29
N ASP A 304 -18.43 1.49 -14.15
CA ASP A 304 -17.15 1.22 -14.80
C ASP A 304 -16.08 1.01 -13.73
N TYR A 305 -16.17 1.77 -12.65
CA TYR A 305 -15.25 1.67 -11.52
C TYR A 305 -15.17 0.22 -11.05
N LYS A 306 -16.33 -0.34 -10.73
CA LYS A 306 -16.45 -1.72 -10.27
C LYS A 306 -15.84 -2.69 -11.30
N LYS A 307 -16.20 -2.50 -12.57
CA LYS A 307 -15.71 -3.36 -13.63
C LYS A 307 -14.18 -3.39 -13.70
N ALA A 308 -13.57 -2.21 -13.64
CA ALA A 308 -12.12 -2.09 -13.69
C ALA A 308 -11.46 -2.76 -12.49
N LEU A 309 -11.98 -2.50 -11.30
CA LEU A 309 -11.42 -3.09 -10.08
C LEU A 309 -11.46 -4.61 -10.12
N LEU A 310 -12.58 -5.15 -10.58
CA LEU A 310 -12.75 -6.60 -10.68
C LEU A 310 -11.80 -7.25 -11.67
N LEU A 311 -11.48 -6.54 -12.75
CA LEU A 311 -10.56 -7.08 -13.73
C LEU A 311 -9.13 -7.11 -13.17
N LEU A 312 -8.77 -6.05 -12.45
CA LEU A 312 -7.44 -5.96 -11.85
C LEU A 312 -7.29 -7.00 -10.74
N CYS A 313 -8.30 -7.09 -9.88
CA CYS A 313 -8.30 -8.03 -8.77
C CYS A 313 -8.33 -9.48 -9.25
N GLY A 314 -9.41 -9.84 -9.94
CA GLY A 314 -9.54 -11.18 -10.46
C GLY A 314 -9.84 -12.20 -9.38
N GLY A 315 -9.66 -13.47 -9.72
CA GLY A 315 -9.91 -14.55 -8.77
C GLY A 315 -11.34 -14.55 -8.29
N GLU A 316 -12.29 -14.76 -9.22
CA GLU A 316 -13.68 -14.79 -8.82
C GLU A 316 -13.96 -16.08 -8.06
N ASP A 317 -13.04 -17.03 -8.17
CA ASP A 317 -13.22 -18.24 -7.39
C ASP A 317 -12.61 -17.81 -6.08
N ASP A 318 -11.35 -18.19 -5.85
CA ASP A 318 -10.71 -17.83 -4.60
C ASP A 318 -11.59 -18.47 -3.54
#